data_3B9M
#
_entry.id   3B9M
#
_cell.length_a   181.536
_cell.length_b   38.458
_cell.length_c   95.368
_cell.angle_alpha   90.00
_cell.angle_beta   104.92
_cell.angle_gamma   90.00
#
_symmetry.space_group_name_H-M   'C 1 2 1'
#
loop_
_entity.id
_entity.type
_entity.pdbx_description
1 polymer 'Serum albumin'
2 non-polymer 'MYRISTIC ACID'
3 non-polymer "3'-azido-3'-deoxythymidine"
4 non-polymer '2-HYDROXYBENZOIC ACID'
#
_entity_poly.entity_id   1
_entity_poly.type   'polypeptide(L)'
_entity_poly.pdbx_seq_one_letter_code
;DAHKSEVAHRFKDLGEENFKALVLIAFAQYLQQCPFEDHVKLVNEVTEFAKTCVADESAENCDKSLHTLFGDKLCTVATL
RETYGEMADCCAKQEPERNECFLQHKDDNPNLPRLVRPEVDVMCTAFHDNEETFLKKYLYEIARRHPYFYAPELLFFAKR
YKAAFTECCQAADKAACLLPKLDELRDEGKASSAKQRLKCASLQKFGERAFKAWAVARLSQRFPKAEFAEVSKLVTDLTK
VHTECCHGDLLECADDRADLAKYICENQDSISSKLKECCEKPLLEKSHCIAEVENDEMPADLPSLAADFVESKDVCKNYA
EAKDVFLGMFLYEYARRHPDYSVVLLLRLAKTYETTLEKCCAAADPHECYAKVFDEFKPLVEEPQNLIKQNCELFEQLGE
YKFQNALLVRYTKKVPQVSTPTLVEVSRNLGKVGSKCCKHPEAKRMPCAEDYLSVVLNQLCVLHEKTPVSDRVTKCCTES
LVNRRPCFSALEVDETYVPKEFNAETFTFHADICTLSEKERQIKKQTALVELVKHKPKATKEQLKAVMDDFAAFVEKCCK
ADDKETCFAEEGKKLVAASQAALGL
;
_entity_poly.pdbx_strand_id   A
#
loop_
_chem_comp.id
_chem_comp.type
_chem_comp.name
_chem_comp.formula
AZZ non-polymer 3'-azido-3'-deoxythymidine 'C10 H13 N5 O4'
MYR non-polymer 'MYRISTIC ACID' 'C14 H28 O2'
SAL non-polymer '2-HYDROXYBENZOIC ACID' 'C7 H6 O3'
#
# COMPACT_ATOMS: atom_id res chain seq x y z
N HIS A 3 -26.20 6.22 -23.38
CA HIS A 3 -25.84 5.84 -24.79
C HIS A 3 -26.66 4.65 -25.23
N LYS A 4 -26.96 4.59 -26.52
CA LYS A 4 -27.75 3.50 -27.06
C LYS A 4 -27.01 2.17 -26.90
N SER A 5 -25.68 2.21 -26.89
CA SER A 5 -24.87 1.00 -26.74
C SER A 5 -23.70 1.12 -25.77
N GLU A 6 -23.85 0.58 -24.56
CA GLU A 6 -22.79 0.64 -23.56
C GLU A 6 -21.43 0.21 -24.10
N VAL A 7 -21.39 -0.90 -24.85
CA VAL A 7 -20.13 -1.40 -25.40
C VAL A 7 -19.52 -0.51 -26.47
N ALA A 8 -20.37 0.07 -27.31
CA ALA A 8 -19.89 0.93 -28.37
C ALA A 8 -19.14 2.09 -27.72
N HIS A 9 -19.73 2.67 -26.68
CA HIS A 9 -19.11 3.79 -25.98
C HIS A 9 -17.75 3.46 -25.37
N ARG A 10 -17.72 2.47 -24.48
CA ARG A 10 -16.48 2.11 -23.80
C ARG A 10 -15.37 1.69 -24.75
N PHE A 11 -15.76 1.17 -25.91
CA PHE A 11 -14.77 0.73 -26.90
C PHE A 11 -14.20 1.98 -27.57
N LYS A 12 -15.11 2.86 -27.96
CA LYS A 12 -14.77 4.10 -28.63
C LYS A 12 -13.85 5.00 -27.83
N ASP A 13 -14.08 5.21 -26.54
CA ASP A 13 -13.17 6.09 -25.82
C ASP A 13 -12.10 5.46 -24.93
N LEU A 14 -11.84 4.17 -25.15
CA LEU A 14 -10.82 3.42 -24.42
C LEU A 14 -9.78 3.07 -25.48
N GLY A 15 -10.29 2.62 -26.62
CA GLY A 15 -9.45 2.21 -27.73
C GLY A 15 -9.48 0.69 -27.73
N GLU A 16 -9.27 0.07 -28.89
CA GLU A 16 -9.28 -1.38 -28.99
C GLU A 16 -8.20 -1.99 -28.10
N GLU A 17 -7.02 -1.40 -28.09
CA GLU A 17 -5.96 -1.93 -27.26
C GLU A 17 -6.35 -1.95 -25.80
N ASN A 18 -6.68 -0.80 -25.25
CA ASN A 18 -7.05 -0.75 -23.84
C ASN A 18 -8.30 -1.61 -23.52
N PHE A 19 -9.19 -1.72 -24.49
CA PHE A 19 -10.43 -2.46 -24.34
C PHE A 19 -10.18 -3.93 -24.06
N LYS A 20 -9.25 -4.51 -24.81
CA LYS A 20 -8.94 -5.92 -24.67
C LYS A 20 -8.18 -6.24 -23.38
N ALA A 21 -7.29 -5.34 -22.98
CA ALA A 21 -6.55 -5.58 -21.75
C ALA A 21 -7.53 -5.56 -20.58
N LEU A 22 -8.47 -4.63 -20.64
CA LEU A 22 -9.46 -4.49 -19.59
C LEU A 22 -10.43 -5.67 -19.54
N VAL A 23 -10.83 -6.20 -20.71
CA VAL A 23 -11.76 -7.33 -20.73
C VAL A 23 -11.06 -8.58 -20.19
N LEU A 24 -9.79 -8.73 -20.54
CA LEU A 24 -8.99 -9.84 -20.09
C LEU A 24 -8.95 -9.86 -18.55
N ILE A 25 -8.46 -8.77 -17.94
CA ILE A 25 -8.35 -8.67 -16.47
C ILE A 25 -9.70 -8.89 -15.82
N ALA A 26 -10.74 -8.34 -16.43
CA ALA A 26 -12.08 -8.50 -15.86
C ALA A 26 -12.45 -9.98 -15.74
N PHE A 27 -12.35 -10.71 -16.84
CA PHE A 27 -12.67 -12.12 -16.83
C PHE A 27 -11.64 -12.95 -16.07
N ALA A 28 -10.42 -12.42 -15.94
CA ALA A 28 -9.38 -13.16 -15.23
C ALA A 28 -9.61 -13.12 -13.73
N GLN A 29 -10.34 -12.10 -13.25
CA GLN A 29 -10.62 -11.93 -11.82
C GLN A 29 -11.82 -12.76 -11.33
N TYR A 30 -12.65 -13.18 -12.29
CA TYR A 30 -13.81 -13.97 -12.01
C TYR A 30 -13.46 -15.42 -12.31
N LEU A 31 -13.39 -15.76 -13.60
CA LEU A 31 -13.03 -17.12 -14.01
C LEU A 31 -11.55 -17.32 -13.77
N GLN A 32 -11.10 -17.18 -12.52
CA GLN A 32 -9.68 -17.35 -12.19
C GLN A 32 -9.15 -18.76 -12.41
N GLN A 33 -10.01 -19.75 -12.50
CA GLN A 33 -9.51 -21.11 -12.68
C GLN A 33 -9.36 -21.56 -14.13
N CYS A 34 -9.84 -20.77 -15.07
CA CYS A 34 -9.71 -21.15 -16.47
C CYS A 34 -8.31 -20.82 -16.94
N PRO A 35 -7.85 -21.47 -18.03
CA PRO A 35 -6.53 -21.23 -18.58
C PRO A 35 -6.46 -20.01 -19.50
N PHE A 36 -5.23 -19.58 -19.77
CA PHE A 36 -4.98 -18.43 -20.62
C PHE A 36 -5.65 -18.54 -21.99
N GLU A 37 -5.42 -19.63 -22.72
CA GLU A 37 -6.03 -19.78 -24.05
C GLU A 37 -7.51 -19.53 -23.94
N ASP A 38 -8.11 -20.11 -22.90
CA ASP A 38 -9.55 -19.97 -22.63
C ASP A 38 -9.96 -18.51 -22.57
N HIS A 39 -9.27 -17.70 -21.76
CA HIS A 39 -9.61 -16.29 -21.64
C HIS A 39 -9.42 -15.53 -22.95
N VAL A 40 -8.25 -15.69 -23.59
CA VAL A 40 -7.98 -15.04 -24.86
C VAL A 40 -9.19 -15.28 -25.77
N LYS A 41 -9.82 -16.42 -25.57
CA LYS A 41 -11.00 -16.80 -26.32
C LYS A 41 -12.04 -15.70 -26.18
N LEU A 42 -12.40 -15.42 -24.92
CA LEU A 42 -13.41 -14.40 -24.58
C LEU A 42 -13.09 -13.01 -25.12
N VAL A 43 -11.89 -12.51 -24.82
CA VAL A 43 -11.47 -11.20 -25.28
C VAL A 43 -11.76 -11.07 -26.77
N ASN A 44 -11.31 -12.04 -27.55
CA ASN A 44 -11.54 -12.01 -28.98
C ASN A 44 -13.02 -12.17 -29.33
N GLU A 45 -13.73 -13.01 -28.58
CA GLU A 45 -15.16 -13.19 -28.85
C GLU A 45 -15.87 -11.87 -28.53
N VAL A 46 -15.46 -11.23 -27.44
CA VAL A 46 -16.05 -9.98 -27.00
C VAL A 46 -15.67 -8.77 -27.84
N THR A 47 -14.38 -8.67 -28.19
CA THR A 47 -13.89 -7.57 -29.00
C THR A 47 -14.53 -7.63 -30.38
N GLU A 48 -14.73 -8.84 -30.89
CA GLU A 48 -15.34 -8.98 -32.21
C GLU A 48 -16.80 -8.54 -32.13
N PHE A 49 -17.46 -8.89 -31.02
CA PHE A 49 -18.84 -8.49 -30.83
C PHE A 49 -18.90 -6.98 -30.68
N ALA A 50 -18.03 -6.42 -29.85
CA ALA A 50 -17.99 -4.97 -29.63
C ALA A 50 -17.90 -4.16 -30.93
N LYS A 51 -16.92 -4.45 -31.78
CA LYS A 51 -16.79 -3.71 -33.05
C LYS A 51 -18.10 -3.72 -33.81
N THR A 52 -18.89 -4.78 -33.59
CA THR A 52 -20.18 -4.95 -34.24
C THR A 52 -21.03 -3.78 -33.89
N CYS A 53 -20.95 -3.44 -32.60
CA CYS A 53 -21.72 -2.36 -31.99
C CYS A 53 -21.25 -0.99 -32.40
N VAL A 54 -19.95 -0.86 -32.64
CA VAL A 54 -19.40 0.40 -33.07
C VAL A 54 -19.86 0.64 -34.50
N ALA A 55 -19.93 -0.42 -35.28
CA ALA A 55 -20.39 -0.32 -36.67
C ALA A 55 -21.84 0.11 -36.71
N ASP A 56 -22.66 -0.55 -35.89
CA ASP A 56 -24.08 -0.23 -35.79
C ASP A 56 -24.50 -0.23 -34.32
N GLU A 57 -24.83 0.94 -33.79
CA GLU A 57 -25.25 1.03 -32.39
C GLU A 57 -26.51 0.21 -32.14
N SER A 58 -27.18 -0.16 -33.23
CA SER A 58 -28.42 -0.94 -33.17
C SER A 58 -28.26 -2.40 -33.58
N ALA A 59 -27.02 -2.89 -33.63
CA ALA A 59 -26.78 -4.28 -34.01
C ALA A 59 -27.32 -5.24 -32.93
N GLU A 60 -27.56 -6.48 -33.31
CA GLU A 60 -28.09 -7.48 -32.38
C GLU A 60 -27.39 -7.49 -31.02
N ASN A 61 -28.17 -7.22 -29.97
CA ASN A 61 -27.67 -7.22 -28.59
C ASN A 61 -26.76 -6.08 -28.16
N CYS A 62 -26.60 -5.06 -29.00
CA CYS A 62 -25.72 -3.96 -28.61
C CYS A 62 -26.35 -3.05 -27.55
N ASP A 63 -27.66 -2.97 -27.53
CA ASP A 63 -28.34 -2.15 -26.55
C ASP A 63 -28.39 -2.78 -25.15
N LYS A 64 -27.96 -4.03 -25.00
CA LYS A 64 -27.98 -4.66 -23.68
C LYS A 64 -26.91 -4.06 -22.76
N SER A 65 -27.18 -4.03 -21.46
CA SER A 65 -26.21 -3.45 -20.53
C SER A 65 -24.96 -4.31 -20.38
N LEU A 66 -23.88 -3.70 -19.92
CA LEU A 66 -22.64 -4.43 -19.77
C LEU A 66 -22.74 -5.53 -18.73
N HIS A 67 -23.20 -5.14 -17.56
CA HIS A 67 -23.38 -6.10 -16.47
C HIS A 67 -24.14 -7.31 -16.99
N THR A 68 -25.18 -7.05 -17.79
CA THR A 68 -25.95 -8.11 -18.40
C THR A 68 -25.10 -8.94 -19.38
N LEU A 69 -24.51 -8.29 -20.39
CA LEU A 69 -23.65 -8.94 -21.38
C LEU A 69 -22.53 -9.71 -20.68
N PHE A 70 -21.92 -9.06 -19.69
CA PHE A 70 -20.84 -9.65 -18.91
C PHE A 70 -21.29 -10.98 -18.29
N GLY A 71 -22.44 -10.93 -17.60
CA GLY A 71 -23.01 -12.10 -16.95
C GLY A 71 -23.31 -13.19 -17.96
N ASP A 72 -23.98 -12.84 -19.05
CA ASP A 72 -24.28 -13.84 -20.06
C ASP A 72 -23.01 -14.57 -20.45
N LYS A 73 -21.97 -13.82 -20.79
CA LYS A 73 -20.71 -14.45 -21.19
C LYS A 73 -20.18 -15.32 -20.07
N LEU A 74 -20.40 -14.88 -18.83
CA LEU A 74 -19.92 -15.64 -17.68
C LEU A 74 -20.69 -16.95 -17.60
N CYS A 75 -21.98 -16.88 -17.92
CA CYS A 75 -22.83 -18.04 -17.88
C CYS A 75 -22.76 -18.86 -19.16
N THR A 76 -21.73 -18.59 -19.95
CA THR A 76 -21.48 -19.24 -21.22
C THR A 76 -20.51 -20.39 -21.04
N VAL A 77 -19.61 -20.24 -20.09
CA VAL A 77 -18.60 -21.27 -19.80
C VAL A 77 -19.25 -22.64 -19.47
N ALA A 78 -18.82 -23.68 -20.19
CA ALA A 78 -19.35 -25.03 -19.99
C ALA A 78 -19.05 -25.57 -18.59
N THR A 79 -17.78 -25.57 -18.22
CA THR A 79 -17.34 -26.06 -16.92
C THR A 79 -17.63 -25.12 -15.74
N LEU A 80 -18.50 -24.13 -15.94
CA LEU A 80 -18.82 -23.19 -14.85
C LEU A 80 -19.26 -23.94 -13.59
N ARG A 81 -20.32 -24.72 -13.71
CA ARG A 81 -20.85 -25.47 -12.58
C ARG A 81 -19.90 -26.48 -11.93
N GLU A 82 -18.94 -26.99 -12.68
CA GLU A 82 -18.02 -27.98 -12.12
C GLU A 82 -16.65 -27.46 -11.75
N THR A 83 -16.42 -26.16 -11.94
CA THR A 83 -15.13 -25.58 -11.59
C THR A 83 -15.32 -24.48 -10.57
N TYR A 84 -16.41 -23.73 -10.70
CA TYR A 84 -16.70 -22.64 -9.78
C TYR A 84 -17.92 -22.98 -8.88
N GLY A 85 -18.46 -24.18 -9.07
CA GLY A 85 -19.59 -24.66 -8.29
C GLY A 85 -20.76 -23.75 -7.95
N GLU A 86 -20.63 -23.02 -6.86
CA GLU A 86 -21.68 -22.11 -6.41
C GLU A 86 -21.93 -20.94 -7.35
N MET A 87 -20.84 -20.34 -7.83
CA MET A 87 -20.92 -19.20 -8.72
C MET A 87 -21.89 -19.47 -9.87
N ALA A 88 -21.97 -20.73 -10.25
CA ALA A 88 -22.83 -21.14 -11.35
C ALA A 88 -24.29 -21.00 -10.98
N ASP A 89 -24.59 -21.02 -9.68
CA ASP A 89 -25.98 -20.89 -9.26
C ASP A 89 -26.45 -19.48 -9.49
N CYS A 90 -25.48 -18.57 -9.72
CA CYS A 90 -25.79 -17.16 -9.99
C CYS A 90 -26.56 -16.99 -11.30
N CYS A 91 -26.27 -17.85 -12.28
CA CYS A 91 -26.92 -17.80 -13.59
C CYS A 91 -28.42 -18.06 -13.54
N ALA A 92 -28.94 -18.52 -12.42
CA ALA A 92 -30.37 -18.79 -12.32
C ALA A 92 -31.10 -17.61 -11.72
N LYS A 93 -30.48 -16.44 -11.81
CA LYS A 93 -31.06 -15.23 -11.24
C LYS A 93 -31.27 -14.11 -12.27
N GLN A 94 -32.13 -13.14 -11.91
CA GLN A 94 -32.41 -12.00 -12.79
C GLN A 94 -31.23 -11.04 -12.62
N GLU A 95 -30.86 -10.39 -13.72
CA GLU A 95 -29.70 -9.49 -13.73
C GLU A 95 -29.34 -8.69 -12.48
N PRO A 96 -30.25 -7.83 -11.99
CA PRO A 96 -29.88 -7.08 -10.78
C PRO A 96 -29.23 -7.93 -9.67
N GLU A 97 -29.80 -9.09 -9.38
CA GLU A 97 -29.26 -9.96 -8.35
C GLU A 97 -28.08 -10.76 -8.90
N ARG A 98 -28.27 -11.35 -10.08
CA ARG A 98 -27.22 -12.14 -10.69
C ARG A 98 -25.87 -11.48 -10.50
N ASN A 99 -25.74 -10.26 -11.05
CA ASN A 99 -24.53 -9.44 -10.98
C ASN A 99 -24.05 -9.34 -9.54
N GLU A 100 -25.01 -9.20 -8.63
CA GLU A 100 -24.70 -9.09 -7.22
C GLU A 100 -24.22 -10.43 -6.67
N CYS A 101 -24.78 -11.51 -7.19
CA CYS A 101 -24.40 -12.85 -6.75
C CYS A 101 -22.99 -13.17 -7.26
N PHE A 102 -22.66 -12.62 -8.42
CA PHE A 102 -21.33 -12.87 -8.99
C PHE A 102 -20.22 -12.16 -8.23
N LEU A 103 -20.57 -11.06 -7.57
CA LEU A 103 -19.61 -10.29 -6.79
C LEU A 103 -19.22 -11.03 -5.52
N GLN A 104 -20.19 -11.72 -4.94
CA GLN A 104 -19.96 -12.48 -3.72
C GLN A 104 -19.18 -13.77 -3.94
N HIS A 105 -19.44 -14.43 -5.06
CA HIS A 105 -18.78 -15.69 -5.41
C HIS A 105 -17.49 -15.52 -6.20
N LYS A 106 -16.53 -14.86 -5.58
CA LYS A 106 -15.25 -14.61 -6.19
C LYS A 106 -14.30 -15.01 -5.09
N ASP A 107 -13.08 -15.39 -5.42
CA ASP A 107 -12.13 -15.80 -4.41
C ASP A 107 -11.04 -14.77 -4.16
N ASP A 108 -10.97 -14.26 -2.92
CA ASP A 108 -9.95 -13.28 -2.57
C ASP A 108 -8.57 -13.87 -2.70
N ASN A 109 -8.36 -14.97 -1.98
CA ASN A 109 -7.07 -15.64 -1.98
C ASN A 109 -7.23 -17.05 -2.51
N PRO A 110 -6.94 -17.27 -3.79
CA PRO A 110 -7.06 -18.60 -4.41
C PRO A 110 -5.93 -19.52 -3.98
N ASN A 111 -5.75 -20.61 -4.71
CA ASN A 111 -4.69 -21.55 -4.37
C ASN A 111 -3.88 -21.92 -5.58
N LEU A 112 -3.35 -20.88 -6.21
CA LEU A 112 -2.50 -20.99 -7.38
C LEU A 112 -1.09 -20.87 -6.82
N PRO A 113 -0.09 -21.40 -7.52
CA PRO A 113 1.30 -21.32 -7.06
C PRO A 113 1.91 -19.93 -7.24
N ARG A 114 2.99 -19.64 -6.52
CA ARG A 114 3.65 -18.33 -6.62
C ARG A 114 4.22 -18.20 -8.03
N LEU A 115 4.11 -16.99 -8.59
CA LEU A 115 4.62 -16.71 -9.92
C LEU A 115 6.15 -16.60 -9.82
N VAL A 116 6.87 -17.45 -10.56
CA VAL A 116 8.32 -17.43 -10.51
C VAL A 116 9.00 -16.65 -11.63
N ARG A 117 9.70 -15.59 -11.25
CA ARG A 117 10.41 -14.75 -12.19
C ARG A 117 11.39 -15.61 -12.98
N PRO A 118 11.18 -15.76 -14.30
CA PRO A 118 12.12 -16.59 -15.07
C PRO A 118 13.46 -15.88 -15.23
N GLU A 119 14.34 -16.44 -16.06
CA GLU A 119 15.65 -15.85 -16.29
C GLU A 119 15.59 -14.66 -17.25
N VAL A 120 16.33 -13.61 -16.95
CA VAL A 120 16.37 -12.41 -17.79
C VAL A 120 16.47 -12.77 -19.29
N ASP A 121 17.24 -13.80 -19.58
CA ASP A 121 17.44 -14.26 -20.95
C ASP A 121 16.14 -14.82 -21.56
N VAL A 122 15.56 -15.82 -20.90
CA VAL A 122 14.31 -16.45 -21.39
C VAL A 122 13.19 -15.41 -21.41
N MET A 123 13.19 -14.53 -20.40
CA MET A 123 12.18 -13.50 -20.32
C MET A 123 12.28 -12.59 -21.53
N CYS A 124 13.44 -11.94 -21.67
CA CYS A 124 13.70 -11.06 -22.78
C CYS A 124 13.45 -11.78 -24.08
N THR A 125 13.85 -13.05 -24.16
CA THR A 125 13.61 -13.82 -25.36
C THR A 125 12.13 -13.87 -25.68
N ALA A 126 11.37 -14.46 -24.75
CA ALA A 126 9.93 -14.64 -24.87
C ALA A 126 9.27 -13.32 -25.18
N PHE A 127 9.58 -12.30 -24.38
CA PHE A 127 9.01 -10.99 -24.63
C PHE A 127 9.26 -10.60 -26.10
N HIS A 128 10.48 -10.86 -26.60
CA HIS A 128 10.81 -10.54 -27.98
C HIS A 128 9.98 -11.37 -28.97
N ASP A 129 10.12 -12.68 -28.89
CA ASP A 129 9.39 -13.56 -29.80
C ASP A 129 7.91 -13.19 -29.94
N ASN A 130 7.14 -13.37 -28.88
CA ASN A 130 5.73 -13.04 -28.93
C ASN A 130 5.38 -12.04 -27.82
N GLU A 131 5.67 -10.77 -28.09
CA GLU A 131 5.42 -9.70 -27.12
C GLU A 131 4.00 -9.70 -26.57
N GLU A 132 3.02 -9.41 -27.40
CA GLU A 132 1.63 -9.35 -26.93
C GLU A 132 1.29 -10.44 -25.93
N THR A 133 1.42 -11.69 -26.32
CA THR A 133 1.10 -12.80 -25.43
C THR A 133 1.91 -12.73 -24.14
N PHE A 134 3.18 -12.42 -24.27
CA PHE A 134 4.07 -12.34 -23.11
C PHE A 134 3.51 -11.46 -21.99
N LEU A 135 2.89 -10.36 -22.37
CA LEU A 135 2.35 -9.43 -21.39
C LEU A 135 0.95 -9.82 -20.95
N LYS A 136 0.06 -10.04 -21.92
CA LYS A 136 -1.29 -10.44 -21.61
C LYS A 136 -1.30 -11.69 -20.70
N LYS A 137 -0.45 -12.66 -20.98
CA LYS A 137 -0.46 -13.85 -20.15
C LYS A 137 -0.13 -13.53 -18.71
N TYR A 138 1.01 -12.91 -18.46
CA TYR A 138 1.38 -12.56 -17.09
C TYR A 138 0.42 -11.53 -16.53
N LEU A 139 -0.29 -10.81 -17.39
CA LEU A 139 -1.26 -9.80 -16.97
C LEU A 139 -2.44 -10.62 -16.47
N TYR A 140 -2.65 -11.75 -17.15
CA TYR A 140 -3.69 -12.71 -16.82
C TYR A 140 -3.29 -13.30 -15.44
N GLU A 141 -2.02 -13.67 -15.33
CA GLU A 141 -1.48 -14.23 -14.11
C GLU A 141 -1.56 -13.30 -12.91
N ILE A 142 -1.42 -11.99 -13.10
CA ILE A 142 -1.51 -11.10 -11.96
C ILE A 142 -2.97 -10.99 -11.54
N ALA A 143 -3.84 -10.67 -12.49
CA ALA A 143 -5.26 -10.55 -12.20
C ALA A 143 -5.81 -11.74 -11.39
N ARG A 144 -5.71 -12.95 -11.95
CA ARG A 144 -6.22 -14.14 -11.26
C ARG A 144 -5.72 -14.35 -9.82
N ARG A 145 -4.63 -13.68 -9.46
CA ARG A 145 -4.07 -13.80 -8.10
C ARG A 145 -4.51 -12.63 -7.21
N HIS A 146 -4.92 -11.54 -7.86
CA HIS A 146 -5.39 -10.33 -7.19
C HIS A 146 -6.73 -9.94 -7.85
N PRO A 147 -7.79 -10.72 -7.57
CA PRO A 147 -9.13 -10.54 -8.12
C PRO A 147 -9.83 -9.24 -7.79
N TYR A 148 -9.33 -8.55 -6.77
CA TYR A 148 -9.96 -7.31 -6.35
C TYR A 148 -9.22 -6.05 -6.73
N PHE A 149 -7.99 -6.23 -7.19
CA PHE A 149 -7.11 -5.15 -7.62
C PHE A 149 -7.81 -4.37 -8.71
N TYR A 150 -7.95 -3.06 -8.54
CA TYR A 150 -8.64 -2.25 -9.54
C TYR A 150 -8.00 -2.46 -10.92
N ALA A 151 -8.82 -2.90 -11.87
CA ALA A 151 -8.38 -3.20 -13.23
C ALA A 151 -7.50 -2.19 -13.98
N PRO A 152 -8.01 -0.98 -14.26
CA PRO A 152 -7.23 0.03 -14.98
C PRO A 152 -5.82 0.22 -14.44
N GLU A 153 -5.71 0.25 -13.12
CA GLU A 153 -4.43 0.44 -12.44
C GLU A 153 -3.50 -0.73 -12.74
N LEU A 154 -4.09 -1.92 -12.84
CA LEU A 154 -3.32 -3.11 -13.13
C LEU A 154 -2.74 -2.96 -14.53
N LEU A 155 -3.51 -2.27 -15.37
CA LEU A 155 -3.13 -2.00 -16.74
C LEU A 155 -1.95 -1.05 -16.78
N PHE A 156 -1.92 -0.09 -15.85
CA PHE A 156 -0.84 0.90 -15.76
C PHE A 156 0.48 0.26 -15.40
N PHE A 157 0.41 -0.80 -14.59
CA PHE A 157 1.60 -1.54 -14.18
C PHE A 157 2.05 -2.37 -15.36
N ALA A 158 1.08 -2.89 -16.12
CA ALA A 158 1.36 -3.69 -17.31
C ALA A 158 2.19 -2.81 -18.26
N LYS A 159 1.59 -1.69 -18.66
CA LYS A 159 2.23 -0.71 -19.53
C LYS A 159 3.63 -0.40 -19.04
N ARG A 160 3.80 -0.30 -17.72
CA ARG A 160 5.11 -0.03 -17.13
C ARG A 160 6.03 -1.23 -17.32
N TYR A 161 5.56 -2.40 -16.89
CA TYR A 161 6.33 -3.64 -17.03
C TYR A 161 6.84 -3.75 -18.45
N LYS A 162 5.97 -3.39 -19.40
CA LYS A 162 6.31 -3.40 -20.81
C LYS A 162 7.50 -2.51 -21.11
N ALA A 163 7.56 -1.35 -20.46
CA ALA A 163 8.66 -0.44 -20.70
C ALA A 163 9.90 -1.02 -20.09
N ALA A 164 9.74 -1.67 -18.96
CA ALA A 164 10.88 -2.27 -18.27
C ALA A 164 11.67 -3.10 -19.27
N PHE A 165 10.95 -3.91 -20.05
CA PHE A 165 11.57 -4.77 -21.03
C PHE A 165 12.09 -3.99 -22.25
N THR A 166 11.23 -3.17 -22.85
CA THR A 166 11.62 -2.39 -24.02
C THR A 166 12.98 -1.72 -23.88
N GLU A 167 13.24 -1.20 -22.70
CA GLU A 167 14.50 -0.52 -22.42
C GLU A 167 15.64 -1.49 -22.16
N CYS A 168 15.45 -2.34 -21.16
CA CYS A 168 16.47 -3.29 -20.73
C CYS A 168 16.87 -4.47 -21.60
N CYS A 169 15.94 -5.09 -22.32
CA CYS A 169 16.30 -6.25 -23.14
C CYS A 169 17.26 -5.94 -24.28
N GLN A 170 17.34 -4.68 -24.67
CA GLN A 170 18.22 -4.26 -25.75
C GLN A 170 19.48 -3.66 -25.12
N ALA A 171 19.74 -4.02 -23.87
CA ALA A 171 20.89 -3.50 -23.15
C ALA A 171 22.09 -4.43 -23.10
N ALA A 172 23.15 -3.98 -22.42
CA ALA A 172 24.35 -4.78 -22.27
C ALA A 172 24.18 -5.70 -21.09
N ASP A 173 24.27 -5.14 -19.90
CA ASP A 173 24.09 -5.90 -18.67
C ASP A 173 22.61 -5.77 -18.33
N LYS A 174 21.80 -6.45 -19.13
CA LYS A 174 20.36 -6.46 -19.01
C LYS A 174 19.84 -6.57 -17.56
N ALA A 175 19.90 -7.76 -16.99
CA ALA A 175 19.45 -7.99 -15.62
C ALA A 175 19.78 -6.85 -14.68
N ALA A 176 20.95 -6.25 -14.87
CA ALA A 176 21.38 -5.13 -14.05
C ALA A 176 20.49 -3.91 -14.28
N CYS A 177 19.66 -4.01 -15.31
CA CYS A 177 18.73 -2.96 -15.72
C CYS A 177 17.30 -3.38 -15.41
N LEU A 178 16.96 -4.63 -15.76
CA LEU A 178 15.61 -5.15 -15.56
C LEU A 178 15.22 -5.57 -14.13
N LEU A 179 16.10 -6.33 -13.47
CA LEU A 179 15.84 -6.82 -12.11
C LEU A 179 15.55 -5.72 -11.09
N PRO A 180 16.36 -4.65 -11.08
CA PRO A 180 16.10 -3.58 -10.11
C PRO A 180 14.97 -2.67 -10.62
N LYS A 181 14.13 -3.26 -11.47
CA LYS A 181 12.96 -2.58 -12.03
C LYS A 181 11.77 -3.48 -11.71
N LEU A 182 11.98 -4.79 -11.85
CA LEU A 182 10.95 -5.78 -11.57
C LEU A 182 10.64 -5.79 -10.08
N ASP A 183 11.69 -5.67 -9.28
CA ASP A 183 11.53 -5.65 -7.84
C ASP A 183 10.79 -4.36 -7.48
N GLU A 184 11.16 -3.25 -8.13
CA GLU A 184 10.53 -1.97 -7.86
C GLU A 184 9.05 -2.07 -8.25
N LEU A 185 8.79 -2.56 -9.45
CA LEU A 185 7.43 -2.72 -9.93
C LEU A 185 6.65 -3.71 -9.06
N ARG A 186 7.31 -4.78 -8.63
CA ARG A 186 6.63 -5.76 -7.79
C ARG A 186 6.26 -5.06 -6.49
N ASP A 187 7.25 -4.74 -5.67
CA ASP A 187 7.00 -4.09 -4.40
C ASP A 187 5.89 -3.07 -4.58
N GLU A 188 6.12 -2.16 -5.51
CA GLU A 188 5.17 -1.09 -5.77
C GLU A 188 3.75 -1.58 -5.99
N GLY A 189 3.59 -2.71 -6.68
CA GLY A 189 2.25 -3.23 -6.92
C GLY A 189 1.70 -3.98 -5.72
N LYS A 190 2.60 -4.50 -4.90
CA LYS A 190 2.21 -5.20 -3.71
C LYS A 190 1.70 -4.16 -2.71
N ALA A 191 2.29 -2.96 -2.78
CA ALA A 191 1.87 -1.89 -1.90
C ALA A 191 0.53 -1.34 -2.37
N SER A 192 0.40 -1.14 -3.67
CA SER A 192 -0.86 -0.63 -4.21
C SER A 192 -1.99 -1.57 -3.88
N SER A 193 -1.70 -2.86 -3.90
CA SER A 193 -2.70 -3.88 -3.60
C SER A 193 -3.13 -3.77 -2.14
N ALA A 194 -2.15 -3.67 -1.25
CA ALA A 194 -2.46 -3.56 0.17
C ALA A 194 -3.18 -2.27 0.53
N LYS A 195 -2.84 -1.18 -0.17
CA LYS A 195 -3.42 0.13 0.10
C LYS A 195 -4.90 0.26 -0.22
N GLN A 196 -5.36 -0.35 -1.29
CA GLN A 196 -6.77 -0.25 -1.62
C GLN A 196 -7.56 -1.29 -0.83
N ARG A 197 -6.86 -2.32 -0.37
CA ARG A 197 -7.46 -3.38 0.40
C ARG A 197 -7.75 -2.84 1.80
N LEU A 198 -6.89 -1.93 2.26
CA LEU A 198 -7.02 -1.31 3.57
C LEU A 198 -8.07 -0.22 3.59
N LYS A 199 -8.04 0.69 2.61
CA LYS A 199 -9.03 1.76 2.56
C LYS A 199 -10.45 1.23 2.79
N CYS A 200 -10.73 0.05 2.22
CA CYS A 200 -12.03 -0.58 2.35
C CYS A 200 -12.22 -1.23 3.71
N ALA A 201 -11.12 -1.73 4.26
CA ALA A 201 -11.12 -2.36 5.57
C ALA A 201 -11.38 -1.24 6.56
N SER A 202 -10.97 -0.04 6.20
CA SER A 202 -11.13 1.14 7.03
C SER A 202 -12.51 1.72 6.95
N LEU A 203 -13.15 1.56 5.80
CA LEU A 203 -14.48 2.09 5.59
C LEU A 203 -15.54 1.35 6.42
N GLN A 204 -15.26 0.10 6.76
CA GLN A 204 -16.21 -0.69 7.53
C GLN A 204 -15.98 -0.67 9.02
N LYS A 205 -14.75 -0.93 9.44
CA LYS A 205 -14.45 -0.94 10.86
C LYS A 205 -14.65 0.45 11.46
N PHE A 206 -13.97 1.44 10.89
CA PHE A 206 -14.01 2.82 11.39
C PHE A 206 -15.20 3.73 11.09
N GLY A 207 -15.86 3.54 9.96
CA GLY A 207 -17.02 4.38 9.68
C GLY A 207 -16.89 5.52 8.68
N GLU A 208 -18.04 5.90 8.13
CA GLU A 208 -18.17 6.96 7.13
C GLU A 208 -17.55 8.28 7.60
N ARG A 209 -17.92 8.70 8.79
CA ARG A 209 -17.43 9.94 9.39
C ARG A 209 -15.89 9.95 9.40
N ALA A 210 -15.32 8.95 10.07
CA ALA A 210 -13.88 8.80 10.17
C ALA A 210 -13.15 8.94 8.82
N PHE A 211 -13.73 8.34 7.78
CA PHE A 211 -13.13 8.38 6.45
C PHE A 211 -13.18 9.81 5.96
N LYS A 212 -14.35 10.41 6.12
CA LYS A 212 -14.55 11.77 5.70
C LYS A 212 -13.51 12.65 6.35
N ALA A 213 -13.26 12.42 7.64
CA ALA A 213 -12.25 13.22 8.34
C ALA A 213 -10.95 13.10 7.56
N TRP A 214 -10.58 11.86 7.28
CA TRP A 214 -9.35 11.58 6.56
C TRP A 214 -9.23 12.37 5.25
N ALA A 215 -10.26 12.33 4.41
CA ALA A 215 -10.21 12.99 3.11
C ALA A 215 -10.26 14.52 3.13
N VAL A 216 -10.84 15.11 4.17
CA VAL A 216 -10.90 16.56 4.21
C VAL A 216 -9.48 17.02 4.39
N ALA A 217 -8.72 16.23 5.14
CA ALA A 217 -7.36 16.56 5.44
C ALA A 217 -6.40 16.38 4.24
N ARG A 218 -6.46 15.19 3.65
CA ARG A 218 -5.60 14.87 2.52
C ARG A 218 -5.95 15.74 1.31
N LEU A 219 -7.20 16.16 1.23
CA LEU A 219 -7.64 16.97 0.11
C LEU A 219 -7.34 18.47 0.20
N SER A 220 -7.48 19.05 1.38
CA SER A 220 -7.22 20.47 1.54
C SER A 220 -5.71 20.63 1.63
N GLN A 221 -5.06 19.52 1.92
CA GLN A 221 -3.61 19.47 2.02
C GLN A 221 -3.08 19.47 0.59
N ARG A 222 -3.84 18.82 -0.30
CA ARG A 222 -3.53 18.67 -1.71
C ARG A 222 -3.94 19.95 -2.47
N PHE A 223 -5.22 20.32 -2.34
CA PHE A 223 -5.75 21.53 -2.96
C PHE A 223 -5.98 22.53 -1.84
N PRO A 224 -4.93 23.26 -1.43
CA PRO A 224 -5.07 24.23 -0.35
C PRO A 224 -5.60 25.59 -0.74
N LYS A 225 -6.03 25.74 -2.00
CA LYS A 225 -6.54 27.02 -2.45
C LYS A 225 -8.03 26.96 -2.67
N ALA A 226 -8.59 25.80 -2.38
CA ALA A 226 -10.02 25.61 -2.53
C ALA A 226 -10.74 26.21 -1.32
N GLU A 227 -12.01 26.56 -1.52
CA GLU A 227 -12.80 27.07 -0.40
C GLU A 227 -13.27 25.83 0.36
N PHE A 228 -13.62 26.00 1.62
CA PHE A 228 -14.08 24.87 2.41
C PHE A 228 -15.23 24.13 1.74
N ALA A 229 -16.19 24.88 1.20
CA ALA A 229 -17.34 24.28 0.54
C ALA A 229 -16.93 23.43 -0.65
N GLU A 230 -15.91 23.87 -1.39
CA GLU A 230 -15.44 23.13 -2.56
C GLU A 230 -14.81 21.81 -2.17
N VAL A 231 -14.11 21.79 -1.04
CA VAL A 231 -13.50 20.57 -0.56
C VAL A 231 -14.63 19.64 -0.05
N SER A 232 -15.53 20.17 0.78
CA SER A 232 -16.64 19.35 1.29
C SER A 232 -17.34 18.65 0.16
N LYS A 233 -17.58 19.37 -0.93
CA LYS A 233 -18.25 18.78 -2.08
C LYS A 233 -17.44 17.54 -2.46
N LEU A 234 -16.15 17.72 -2.69
CA LEU A 234 -15.26 16.63 -3.04
C LEU A 234 -15.21 15.51 -1.98
N VAL A 235 -15.08 15.85 -0.70
CA VAL A 235 -15.06 14.80 0.32
C VAL A 235 -16.32 13.97 0.18
N THR A 236 -17.44 14.63 -0.10
CA THR A 236 -18.69 13.92 -0.27
C THR A 236 -18.69 13.06 -1.52
N ASP A 237 -18.34 13.64 -2.67
CA ASP A 237 -18.30 12.85 -3.90
C ASP A 237 -17.28 11.69 -3.80
N LEU A 238 -16.17 11.96 -3.14
CA LEU A 238 -15.11 10.99 -2.97
C LEU A 238 -15.60 9.83 -2.11
N THR A 239 -16.28 10.14 -1.02
CA THR A 239 -16.77 9.12 -0.11
C THR A 239 -17.65 8.15 -0.87
N LYS A 240 -18.55 8.67 -1.69
CA LYS A 240 -19.42 7.81 -2.47
C LYS A 240 -18.55 6.82 -3.23
N VAL A 241 -17.57 7.36 -3.96
CA VAL A 241 -16.63 6.58 -4.75
C VAL A 241 -16.04 5.36 -4.02
N HIS A 242 -15.32 5.59 -2.93
CA HIS A 242 -14.72 4.50 -2.14
C HIS A 242 -15.79 3.52 -1.66
N THR A 243 -16.94 4.06 -1.28
CA THR A 243 -18.05 3.27 -0.78
C THR A 243 -18.55 2.29 -1.83
N GLU A 244 -18.65 2.75 -3.08
CA GLU A 244 -19.10 1.89 -4.16
C GLU A 244 -17.97 0.98 -4.63
N CYS A 245 -16.79 1.56 -4.81
CA CYS A 245 -15.64 0.79 -5.27
C CYS A 245 -15.31 -0.30 -4.29
N CYS A 246 -15.54 -0.04 -3.01
CA CYS A 246 -15.28 -1.06 -2.00
C CYS A 246 -16.38 -2.09 -2.08
N HIS A 247 -17.38 -1.84 -2.92
CA HIS A 247 -18.45 -2.81 -3.03
C HIS A 247 -18.08 -3.93 -3.99
N GLY A 248 -17.10 -3.67 -4.85
CA GLY A 248 -16.66 -4.70 -5.79
C GLY A 248 -16.87 -4.40 -7.26
N ASP A 249 -18.10 -4.10 -7.65
CA ASP A 249 -18.47 -3.80 -9.04
C ASP A 249 -17.48 -2.84 -9.72
N LEU A 250 -16.73 -3.35 -10.70
CA LEU A 250 -15.72 -2.58 -11.43
C LEU A 250 -16.30 -1.42 -12.26
N LEU A 251 -17.33 -1.69 -13.04
CA LEU A 251 -17.92 -0.65 -13.86
C LEU A 251 -18.58 0.43 -13.03
N GLU A 252 -19.29 0.04 -11.97
CA GLU A 252 -19.93 1.06 -11.12
C GLU A 252 -18.81 1.95 -10.60
N CYS A 253 -17.79 1.31 -10.03
CA CYS A 253 -16.64 2.02 -9.51
C CYS A 253 -15.95 2.92 -10.54
N ALA A 254 -15.78 2.40 -11.75
CA ALA A 254 -15.13 3.12 -12.83
C ALA A 254 -15.78 4.47 -13.19
N ASP A 255 -17.11 4.46 -13.33
CA ASP A 255 -17.87 5.66 -13.67
C ASP A 255 -17.92 6.67 -12.52
N ASP A 256 -17.97 6.17 -11.29
CA ASP A 256 -17.98 7.08 -10.17
C ASP A 256 -16.70 7.90 -10.29
N ARG A 257 -15.59 7.19 -10.51
CA ARG A 257 -14.26 7.80 -10.64
C ARG A 257 -14.17 8.75 -11.86
N ALA A 258 -14.74 8.31 -12.97
CA ALA A 258 -14.76 9.07 -14.21
C ALA A 258 -15.57 10.34 -13.97
N ASP A 259 -16.79 10.16 -13.48
CA ASP A 259 -17.69 11.27 -13.21
C ASP A 259 -16.97 12.34 -12.40
N LEU A 260 -16.48 11.92 -11.23
CA LEU A 260 -15.76 12.82 -10.33
C LEU A 260 -14.59 13.57 -11.00
N ALA A 261 -13.81 12.87 -11.81
CA ALA A 261 -12.67 13.50 -12.48
C ALA A 261 -13.17 14.55 -13.48
N LYS A 262 -14.39 14.34 -13.97
CA LYS A 262 -15.01 15.27 -14.92
C LYS A 262 -15.35 16.54 -14.16
N TYR A 263 -15.93 16.36 -12.99
CA TYR A 263 -16.29 17.50 -12.17
C TYR A 263 -15.03 18.31 -11.82
N ILE A 264 -13.98 17.60 -11.45
CA ILE A 264 -12.74 18.27 -11.08
C ILE A 264 -12.09 19.01 -12.23
N CYS A 265 -12.16 18.44 -13.42
CA CYS A 265 -11.53 19.08 -14.55
C CYS A 265 -12.32 20.27 -15.09
N GLU A 266 -13.60 20.28 -14.78
CA GLU A 266 -14.46 21.37 -15.20
C GLU A 266 -14.57 22.37 -14.07
N ASN A 267 -13.69 22.23 -13.08
CA ASN A 267 -13.68 23.13 -11.93
C ASN A 267 -12.25 23.31 -11.42
N GLN A 268 -11.28 23.26 -12.34
CA GLN A 268 -9.88 23.43 -11.98
C GLN A 268 -9.67 24.78 -11.30
N ASP A 269 -10.21 25.83 -11.92
CA ASP A 269 -10.10 27.18 -11.38
C ASP A 269 -10.62 27.19 -9.95
N SER A 270 -11.60 26.34 -9.67
CA SER A 270 -12.18 26.26 -8.34
C SER A 270 -11.46 25.23 -7.47
N ILE A 271 -10.51 24.49 -8.03
CA ILE A 271 -9.81 23.48 -7.24
C ILE A 271 -8.28 23.59 -7.12
N SER A 272 -7.56 23.45 -8.23
CA SER A 272 -6.09 23.54 -8.18
C SER A 272 -5.57 24.05 -9.50
N SER A 273 -4.29 24.39 -9.58
CA SER A 273 -3.76 24.85 -10.86
C SER A 273 -2.91 23.74 -11.45
N LYS A 274 -2.62 22.75 -10.60
CA LYS A 274 -1.83 21.57 -10.94
C LYS A 274 -2.55 20.53 -11.79
N LEU A 275 -3.78 20.81 -12.20
CA LEU A 275 -4.54 19.85 -12.98
C LEU A 275 -4.54 20.00 -14.49
N LYS A 276 -3.94 21.06 -15.02
CA LYS A 276 -3.88 21.27 -16.46
C LYS A 276 -3.57 19.94 -17.15
N GLU A 277 -2.40 19.39 -16.82
CA GLU A 277 -1.96 18.13 -17.40
C GLU A 277 -3.01 17.03 -17.28
N CYS A 278 -3.16 16.50 -16.07
CA CYS A 278 -4.13 15.44 -15.81
C CYS A 278 -5.45 15.59 -16.55
N CYS A 279 -5.98 16.81 -16.56
CA CYS A 279 -7.25 17.05 -17.19
C CYS A 279 -7.19 16.92 -18.70
N GLU A 280 -5.98 17.10 -19.21
CA GLU A 280 -5.71 17.02 -20.63
C GLU A 280 -5.62 15.58 -21.14
N LYS A 281 -5.63 14.59 -20.22
CA LYS A 281 -5.55 13.17 -20.58
C LYS A 281 -6.88 12.48 -20.88
N PRO A 282 -6.84 11.30 -21.53
CA PRO A 282 -8.03 10.52 -21.88
C PRO A 282 -8.62 9.78 -20.69
N LEU A 283 -9.94 9.56 -20.75
CA LEU A 283 -10.67 8.92 -19.67
C LEU A 283 -9.92 7.92 -18.78
N LEU A 284 -9.03 7.13 -19.36
CA LEU A 284 -8.34 6.16 -18.55
C LEU A 284 -7.39 6.78 -17.54
N GLU A 285 -6.56 7.70 -18.00
CA GLU A 285 -5.59 8.34 -17.14
C GLU A 285 -6.10 9.36 -16.10
N LYS A 286 -6.96 10.29 -16.51
CA LYS A 286 -7.48 11.33 -15.62
C LYS A 286 -7.51 10.98 -14.14
N SER A 287 -8.50 10.20 -13.71
CA SER A 287 -8.64 9.81 -12.31
C SER A 287 -7.31 9.41 -11.68
N HIS A 288 -6.63 8.46 -12.31
CA HIS A 288 -5.34 8.01 -11.83
C HIS A 288 -4.43 9.21 -11.68
N CYS A 289 -4.19 9.90 -12.79
CA CYS A 289 -3.32 11.07 -12.86
C CYS A 289 -3.59 12.06 -11.74
N ILE A 290 -4.85 12.50 -11.65
CA ILE A 290 -5.27 13.45 -10.65
C ILE A 290 -4.92 13.02 -9.22
N ALA A 291 -5.20 11.75 -8.92
CA ALA A 291 -4.94 11.18 -7.60
C ALA A 291 -3.48 11.18 -7.27
N GLU A 292 -2.68 11.44 -8.29
CA GLU A 292 -1.24 11.44 -8.14
C GLU A 292 -0.64 12.84 -8.29
N VAL A 293 -1.45 13.81 -8.68
CA VAL A 293 -0.96 15.19 -8.87
C VAL A 293 -0.32 15.71 -7.58
N GLU A 294 0.56 16.69 -7.74
CA GLU A 294 1.27 17.31 -6.63
C GLU A 294 0.38 18.33 -5.96
N ASN A 295 0.70 18.63 -4.70
CA ASN A 295 -0.08 19.58 -3.93
C ASN A 295 0.12 20.96 -4.56
N ASP A 296 -0.94 21.75 -4.62
CA ASP A 296 -0.84 23.09 -5.18
C ASP A 296 -0.13 23.92 -4.11
N GLU A 297 0.35 25.10 -4.46
CA GLU A 297 1.03 25.91 -3.47
C GLU A 297 -0.05 26.65 -2.69
N MET A 298 0.21 26.98 -1.44
CA MET A 298 -0.80 27.68 -0.64
C MET A 298 -0.75 29.19 -0.82
N PRO A 299 -1.81 29.90 -0.40
CA PRO A 299 -1.99 31.35 -0.48
C PRO A 299 -0.83 32.27 -0.08
N ALA A 300 -0.12 31.93 0.99
CA ALA A 300 1.04 32.72 1.46
C ALA A 300 0.67 33.77 2.51
N ASP A 301 -0.34 34.59 2.23
CA ASP A 301 -0.74 35.58 3.20
C ASP A 301 -1.31 34.85 4.42
N LEU A 302 -2.19 33.89 4.13
CA LEU A 302 -2.87 33.08 5.14
C LEU A 302 -2.61 33.43 6.59
N PRO A 303 -3.66 33.85 7.30
CA PRO A 303 -3.65 34.24 8.72
C PRO A 303 -3.06 33.18 9.62
N SER A 304 -3.62 33.07 10.81
CA SER A 304 -3.18 32.08 11.79
C SER A 304 -4.45 31.52 12.37
N LEU A 305 -4.49 30.21 12.51
CA LEU A 305 -5.68 29.54 13.03
C LEU A 305 -6.21 30.02 14.38
N ALA A 306 -5.61 31.07 14.93
CA ALA A 306 -6.05 31.58 16.23
C ALA A 306 -7.21 32.57 16.18
N ALA A 307 -7.53 33.09 15.00
CA ALA A 307 -8.63 34.05 14.89
C ALA A 307 -9.97 33.35 15.04
N ASP A 308 -10.13 32.21 14.40
CA ASP A 308 -11.40 31.49 14.43
C ASP A 308 -11.50 30.33 15.41
N PHE A 309 -10.39 29.87 15.98
CA PHE A 309 -10.49 28.72 16.85
C PHE A 309 -10.12 28.88 18.30
N VAL A 310 -9.44 29.96 18.64
CA VAL A 310 -9.06 30.20 20.03
C VAL A 310 -9.68 31.47 20.58
N GLU A 311 -9.06 32.59 20.22
CA GLU A 311 -9.49 33.90 20.64
C GLU A 311 -10.97 34.10 20.34
N SER A 312 -11.25 34.78 19.24
CA SER A 312 -12.62 35.07 18.80
C SER A 312 -13.76 34.58 19.66
N LYS A 313 -14.74 35.46 19.84
CA LYS A 313 -15.93 35.14 20.61
C LYS A 313 -16.77 34.20 19.75
N ASP A 314 -17.64 33.42 20.37
CA ASP A 314 -18.51 32.51 19.64
C ASP A 314 -17.84 31.28 19.03
N VAL A 315 -16.78 30.79 19.65
CA VAL A 315 -16.12 29.61 19.15
C VAL A 315 -17.07 28.47 19.49
N CYS A 316 -17.49 28.42 20.75
CA CYS A 316 -18.40 27.41 21.23
C CYS A 316 -19.77 27.51 20.57
N LYS A 317 -20.17 28.72 20.23
CA LYS A 317 -21.47 28.94 19.60
C LYS A 317 -21.44 28.27 18.21
N ASN A 318 -20.39 28.55 17.45
CA ASN A 318 -20.23 27.97 16.11
C ASN A 318 -20.04 26.47 16.16
N TYR A 319 -19.10 26.03 17.01
CA TYR A 319 -18.81 24.62 17.17
C TYR A 319 -20.02 23.78 17.58
N ALA A 320 -20.92 24.37 18.36
CA ALA A 320 -22.09 23.65 18.85
C ALA A 320 -23.22 23.57 17.85
N GLU A 321 -23.25 24.51 16.93
CA GLU A 321 -24.28 24.53 15.92
C GLU A 321 -24.16 23.36 14.96
N ALA A 322 -22.90 22.99 14.68
CA ALA A 322 -22.57 21.90 13.78
C ALA A 322 -21.16 21.48 14.12
N LYS A 323 -21.02 20.65 15.15
CA LYS A 323 -19.71 20.21 15.59
C LYS A 323 -18.80 19.73 14.48
N ASP A 324 -19.31 18.86 13.62
CA ASP A 324 -18.50 18.31 12.54
C ASP A 324 -18.09 19.29 11.45
N VAL A 325 -19.02 20.07 10.95
CA VAL A 325 -18.67 21.06 9.92
C VAL A 325 -17.60 21.95 10.53
N PHE A 326 -17.79 22.30 11.80
CA PHE A 326 -16.80 23.14 12.47
C PHE A 326 -15.47 22.42 12.50
N LEU A 327 -15.42 21.29 13.22
CA LEU A 327 -14.21 20.50 13.32
C LEU A 327 -13.61 20.26 11.93
N GLY A 328 -14.48 20.06 10.94
CA GLY A 328 -14.00 19.86 9.58
C GLY A 328 -13.24 21.10 9.14
N MET A 329 -13.79 22.26 9.47
CA MET A 329 -13.18 23.54 9.12
C MET A 329 -11.84 23.73 9.84
N PHE A 330 -11.68 23.06 10.97
CA PHE A 330 -10.43 23.13 11.72
C PHE A 330 -9.40 22.36 10.90
N LEU A 331 -9.75 21.11 10.58
CA LEU A 331 -8.89 20.24 9.78
C LEU A 331 -8.52 20.92 8.48
N TYR A 332 -9.54 21.44 7.80
CA TYR A 332 -9.30 22.12 6.54
C TYR A 332 -8.20 23.18 6.68
N GLU A 333 -8.50 24.20 7.48
CA GLU A 333 -7.60 25.31 7.75
C GLU A 333 -6.25 24.87 8.28
N TYR A 334 -6.23 23.78 9.05
CA TYR A 334 -4.97 23.29 9.61
C TYR A 334 -4.15 22.49 8.60
N ALA A 335 -4.82 21.60 7.86
CA ALA A 335 -4.12 20.78 6.89
C ALA A 335 -3.52 21.55 5.71
N ARG A 336 -4.30 22.46 5.13
CA ARG A 336 -3.84 23.26 3.99
C ARG A 336 -2.58 24.08 4.26
N ARG A 337 -2.31 24.36 5.52
CA ARG A 337 -1.13 25.11 5.87
C ARG A 337 -0.03 24.15 6.31
N HIS A 338 -0.24 22.86 6.07
CA HIS A 338 0.73 21.84 6.48
C HIS A 338 0.79 20.61 5.59
N PRO A 339 1.42 20.74 4.40
CA PRO A 339 1.54 19.60 3.50
C PRO A 339 2.58 18.68 4.13
N ASP A 340 3.44 19.29 4.95
CA ASP A 340 4.51 18.57 5.62
C ASP A 340 4.02 17.64 6.70
N TYR A 341 2.73 17.62 6.94
CA TYR A 341 2.18 16.76 7.98
C TYR A 341 1.58 15.44 7.49
N SER A 342 1.72 14.44 8.35
CA SER A 342 1.16 13.12 8.09
C SER A 342 -0.34 13.23 8.38
N VAL A 343 -1.19 12.94 7.41
CA VAL A 343 -2.62 13.05 7.59
C VAL A 343 -3.11 12.66 8.99
N VAL A 344 -2.76 11.45 9.41
CA VAL A 344 -3.18 10.97 10.70
C VAL A 344 -2.71 11.89 11.84
N LEU A 345 -1.63 12.64 11.63
CA LEU A 345 -1.17 13.57 12.65
C LEU A 345 -2.17 14.73 12.71
N LEU A 346 -2.79 15.03 11.58
CA LEU A 346 -3.75 16.11 11.53
C LEU A 346 -5.07 15.74 12.19
N LEU A 347 -5.36 14.45 12.24
CA LEU A 347 -6.59 13.99 12.85
C LEU A 347 -6.34 13.96 14.33
N ARG A 348 -5.08 13.80 14.70
CA ARG A 348 -4.71 13.75 16.10
C ARG A 348 -4.91 15.13 16.71
N LEU A 349 -4.38 16.15 16.02
CA LEU A 349 -4.51 17.53 16.45
C LEU A 349 -5.98 17.87 16.61
N ALA A 350 -6.75 17.55 15.59
CA ALA A 350 -8.19 17.83 15.59
C ALA A 350 -8.95 17.05 16.67
N LYS A 351 -8.61 15.79 16.88
CA LYS A 351 -9.32 15.04 17.89
C LYS A 351 -9.03 15.72 19.21
N THR A 352 -7.86 16.33 19.32
CA THR A 352 -7.50 17.04 20.54
C THR A 352 -8.47 18.18 20.68
N TYR A 353 -8.29 19.16 19.79
CA TYR A 353 -9.15 20.33 19.75
C TYR A 353 -10.58 19.95 20.09
N GLU A 354 -11.09 18.88 19.48
CA GLU A 354 -12.45 18.42 19.77
C GLU A 354 -12.62 18.19 21.26
N THR A 355 -11.87 17.22 21.78
CA THR A 355 -11.89 16.88 23.19
C THR A 355 -11.92 18.14 24.03
N THR A 356 -11.11 19.10 23.62
CA THR A 356 -11.02 20.35 24.33
C THR A 356 -12.33 21.12 24.36
N LEU A 357 -12.98 21.26 23.21
CA LEU A 357 -14.21 22.01 23.19
C LEU A 357 -15.32 21.31 23.96
N GLU A 358 -15.41 19.99 23.84
CA GLU A 358 -16.45 19.28 24.58
C GLU A 358 -16.29 19.58 26.07
N LYS A 359 -15.08 19.92 26.48
CA LYS A 359 -14.82 20.22 27.89
C LYS A 359 -15.03 21.69 28.19
N CYS A 360 -14.26 22.52 27.51
CA CYS A 360 -14.30 23.97 27.69
C CYS A 360 -15.58 24.69 27.34
N CYS A 361 -16.42 24.12 26.48
CA CYS A 361 -17.68 24.78 26.13
C CYS A 361 -18.75 24.42 27.16
N ALA A 362 -18.28 23.80 28.22
CA ALA A 362 -19.13 23.40 29.34
C ALA A 362 -18.35 23.96 30.51
N ALA A 363 -17.99 25.24 30.39
CA ALA A 363 -17.22 25.92 31.40
C ALA A 363 -17.79 27.28 31.73
N ALA A 364 -17.44 27.79 32.91
CA ALA A 364 -17.87 29.11 33.34
C ALA A 364 -17.30 30.14 32.37
N ASP A 365 -15.97 30.25 32.35
CA ASP A 365 -15.24 31.16 31.48
C ASP A 365 -14.49 30.34 30.44
N PRO A 366 -15.19 29.96 29.36
CA PRO A 366 -14.63 29.15 28.27
C PRO A 366 -13.29 29.64 27.73
N HIS A 367 -13.30 30.82 27.11
CA HIS A 367 -12.07 31.38 26.54
C HIS A 367 -10.85 31.04 27.41
N GLU A 368 -10.97 31.28 28.71
CA GLU A 368 -9.87 30.99 29.64
C GLU A 368 -9.52 29.50 29.62
N CYS A 369 -10.54 28.65 29.64
CA CYS A 369 -10.40 27.19 29.65
C CYS A 369 -9.62 26.55 28.50
N TYR A 370 -9.67 27.16 27.31
CA TYR A 370 -8.96 26.60 26.18
C TYR A 370 -8.05 27.64 25.53
N ALA A 371 -7.61 28.61 26.31
CA ALA A 371 -6.70 29.61 25.78
C ALA A 371 -5.43 28.83 25.49
N LYS A 372 -5.27 27.74 26.23
CA LYS A 372 -4.12 26.86 26.09
C LYS A 372 -4.53 25.63 25.29
N VAL A 373 -4.57 25.73 23.97
CA VAL A 373 -4.94 24.57 23.19
C VAL A 373 -3.88 24.30 22.13
N PHE A 374 -3.49 25.34 21.39
CA PHE A 374 -2.44 25.18 20.39
C PHE A 374 -1.15 24.77 21.09
N ASP A 375 -1.12 24.93 22.41
CA ASP A 375 0.05 24.53 23.20
C ASP A 375 0.14 23.00 23.18
N GLU A 376 -1.00 22.33 23.31
CA GLU A 376 -1.04 20.87 23.33
C GLU A 376 -0.68 20.23 21.99
N PHE A 377 -0.57 21.06 20.95
CA PHE A 377 -0.25 20.56 19.62
C PHE A 377 1.24 20.31 19.36
N LYS A 378 2.10 21.12 19.97
CA LYS A 378 3.52 20.95 19.72
C LYS A 378 4.11 19.59 20.04
N PRO A 379 3.71 18.99 21.16
CA PRO A 379 4.27 17.68 21.50
C PRO A 379 3.74 16.57 20.57
N LEU A 380 2.49 16.72 20.13
CA LEU A 380 1.90 15.76 19.23
C LEU A 380 2.60 15.82 17.89
N VAL A 381 2.97 17.05 17.49
CA VAL A 381 3.69 17.32 16.24
C VAL A 381 5.14 16.92 16.36
N GLU A 382 5.78 17.33 17.44
CA GLU A 382 7.19 17.05 17.68
C GLU A 382 7.56 15.58 17.59
N GLU A 383 6.92 14.77 18.44
CA GLU A 383 7.18 13.34 18.52
C GLU A 383 7.37 12.67 17.15
N PRO A 384 6.39 12.79 16.25
CA PRO A 384 6.57 12.16 14.95
C PRO A 384 7.70 12.82 14.13
N GLN A 385 7.87 14.13 14.26
CA GLN A 385 8.94 14.83 13.56
C GLN A 385 10.28 14.30 14.04
N ASN A 386 10.45 14.21 15.35
CA ASN A 386 11.70 13.73 15.94
C ASN A 386 11.98 12.23 15.79
N LEU A 387 11.02 11.47 15.28
CA LEU A 387 11.26 10.05 15.08
C LEU A 387 11.95 9.96 13.75
N ILE A 388 11.52 10.83 12.84
CA ILE A 388 12.08 10.91 11.50
C ILE A 388 13.56 11.31 11.62
N LYS A 389 13.83 12.45 12.23
CA LYS A 389 15.20 12.90 12.42
C LYS A 389 16.05 11.70 12.81
N GLN A 390 15.87 11.27 14.05
CA GLN A 390 16.59 10.14 14.63
C GLN A 390 16.82 8.96 13.69
N ASN A 391 15.75 8.53 13.01
CA ASN A 391 15.88 7.39 12.10
C ASN A 391 16.61 7.66 10.82
N CYS A 392 16.28 8.76 10.15
CA CYS A 392 16.97 9.10 8.92
C CYS A 392 18.42 9.43 9.26
N GLU A 393 18.65 10.04 10.42
CA GLU A 393 20.02 10.34 10.82
C GLU A 393 20.76 9.02 10.91
N LEU A 394 20.12 8.06 11.55
CA LEU A 394 20.66 6.72 11.73
C LEU A 394 20.92 6.07 10.38
N PHE A 395 20.03 6.30 9.43
CA PHE A 395 20.15 5.72 8.11
C PHE A 395 21.19 6.41 7.24
N GLU A 396 21.52 7.66 7.55
CA GLU A 396 22.54 8.36 6.78
C GLU A 396 23.86 7.80 7.30
N GLN A 397 23.85 7.39 8.56
CA GLN A 397 25.02 6.82 9.22
C GLN A 397 25.32 5.45 8.60
N LEU A 398 24.50 4.46 8.93
CA LEU A 398 24.67 3.10 8.40
C LEU A 398 24.02 3.06 7.02
N GLY A 399 24.38 2.10 6.18
CA GLY A 399 23.77 2.03 4.87
C GLY A 399 22.36 1.47 5.02
N GLU A 400 21.64 1.22 3.94
CA GLU A 400 20.29 0.67 4.08
C GLU A 400 20.40 -0.64 4.88
N TYR A 401 21.26 -1.53 4.40
CA TYR A 401 21.49 -2.84 5.02
C TYR A 401 21.95 -2.76 6.47
N LYS A 402 23.05 -2.06 6.72
CA LYS A 402 23.58 -1.91 8.06
C LYS A 402 22.47 -1.31 8.94
N PHE A 403 21.60 -0.54 8.31
CA PHE A 403 20.48 0.12 8.98
C PHE A 403 19.30 -0.81 9.24
N GLN A 404 19.07 -1.74 8.31
CA GLN A 404 17.98 -2.70 8.42
C GLN A 404 18.28 -3.70 9.52
N ASN A 405 19.54 -3.75 9.94
CA ASN A 405 19.95 -4.66 11.00
C ASN A 405 19.78 -3.99 12.35
N ALA A 406 19.83 -2.66 12.36
CA ALA A 406 19.63 -1.97 13.64
C ALA A 406 18.16 -2.17 13.96
N LEU A 407 17.32 -2.00 12.94
CA LEU A 407 15.90 -2.15 13.12
C LEU A 407 15.57 -3.58 13.54
N LEU A 408 16.29 -4.53 12.96
CA LEU A 408 16.08 -5.95 13.24
C LEU A 408 16.29 -6.26 14.70
N VAL A 409 17.38 -5.75 15.25
CA VAL A 409 17.66 -5.96 16.66
C VAL A 409 16.64 -5.17 17.48
N ARG A 410 16.36 -3.94 17.04
CA ARG A 410 15.39 -3.09 17.75
C ARG A 410 14.07 -3.79 18.00
N TYR A 411 13.48 -4.36 16.95
CA TYR A 411 12.18 -5.05 17.02
C TYR A 411 12.22 -6.48 17.57
N THR A 412 13.31 -7.18 17.33
CA THR A 412 13.49 -8.53 17.82
C THR A 412 13.45 -8.52 19.36
N LYS A 413 13.92 -7.41 19.95
CA LYS A 413 13.95 -7.22 21.40
C LYS A 413 12.63 -6.67 21.92
N LYS A 414 11.90 -5.99 21.04
CA LYS A 414 10.60 -5.42 21.39
C LYS A 414 9.60 -6.57 21.55
N VAL A 415 9.55 -7.47 20.57
CA VAL A 415 8.63 -8.61 20.59
C VAL A 415 9.23 -9.94 20.10
N PRO A 416 10.13 -10.53 20.90
CA PRO A 416 10.81 -11.80 20.60
C PRO A 416 9.87 -12.95 20.19
N GLN A 417 8.61 -12.83 20.60
CA GLN A 417 7.60 -13.85 20.33
C GLN A 417 7.28 -14.04 18.84
N VAL A 418 7.27 -12.95 18.10
CA VAL A 418 6.96 -13.01 16.67
C VAL A 418 7.89 -13.87 15.84
N SER A 419 7.30 -14.52 14.85
CA SER A 419 8.00 -15.37 13.90
C SER A 419 9.32 -14.77 13.45
N THR A 420 10.37 -15.60 13.39
CA THR A 420 11.67 -15.11 12.95
C THR A 420 11.58 -14.59 11.51
N PRO A 421 10.95 -15.36 10.61
CA PRO A 421 10.82 -14.93 9.21
C PRO A 421 10.03 -13.63 9.09
N THR A 422 9.12 -13.42 10.04
CA THR A 422 8.27 -12.23 10.02
C THR A 422 9.05 -10.98 10.42
N LEU A 423 10.05 -11.15 11.27
CA LEU A 423 10.88 -10.04 11.70
C LEU A 423 11.75 -9.58 10.53
N VAL A 424 12.50 -10.51 9.97
CA VAL A 424 13.37 -10.19 8.84
C VAL A 424 12.59 -9.39 7.82
N GLU A 425 11.43 -9.90 7.43
CA GLU A 425 10.63 -9.24 6.42
C GLU A 425 10.23 -7.83 6.86
N VAL A 426 9.63 -7.71 8.05
CA VAL A 426 9.23 -6.41 8.56
C VAL A 426 10.42 -5.46 8.62
N SER A 427 11.50 -5.89 9.28
CA SER A 427 12.68 -5.05 9.40
C SER A 427 13.21 -4.64 8.04
N ARG A 428 13.07 -5.52 7.06
CA ARG A 428 13.52 -5.19 5.71
C ARG A 428 12.57 -4.17 5.09
N ASN A 429 11.30 -4.53 4.90
CA ASN A 429 10.33 -3.63 4.31
C ASN A 429 10.35 -2.32 5.07
N LEU A 430 10.21 -2.44 6.38
CA LEU A 430 10.23 -1.28 7.25
C LEU A 430 11.50 -0.52 6.91
N GLY A 431 12.61 -1.25 6.95
CA GLY A 431 13.91 -0.67 6.64
C GLY A 431 13.99 0.10 5.34
N LYS A 432 13.39 -0.44 4.27
CA LYS A 432 13.43 0.28 3.02
C LYS A 432 12.84 1.66 3.34
N VAL A 433 11.52 1.73 3.56
CA VAL A 433 10.82 2.98 3.88
C VAL A 433 11.73 4.20 4.12
N GLY A 434 12.69 4.06 5.01
CA GLY A 434 13.61 5.15 5.27
C GLY A 434 14.44 5.42 4.03
N SER A 435 14.62 4.39 3.21
CA SER A 435 15.38 4.47 1.98
C SER A 435 14.78 5.47 0.99
N LYS A 436 13.49 5.36 0.72
CA LYS A 436 12.87 6.26 -0.24
C LYS A 436 12.05 7.40 0.38
N CYS A 437 12.17 7.59 1.68
CA CYS A 437 11.47 8.67 2.33
C CYS A 437 12.52 9.62 2.85
N CYS A 438 13.58 9.07 3.42
CA CYS A 438 14.66 9.91 3.91
C CYS A 438 15.42 10.58 2.76
N LYS A 439 15.01 10.31 1.53
CA LYS A 439 15.64 10.92 0.39
C LYS A 439 14.96 12.27 0.17
N HIS A 440 13.69 12.33 0.59
CA HIS A 440 12.87 13.55 0.49
C HIS A 440 13.26 14.53 1.60
N PRO A 441 13.18 15.84 1.32
CA PRO A 441 13.54 16.77 2.40
C PRO A 441 12.33 16.89 3.32
N GLU A 442 12.56 17.42 4.51
CA GLU A 442 11.51 17.61 5.51
C GLU A 442 10.10 17.76 4.94
N ALA A 443 9.96 18.67 3.99
CA ALA A 443 8.69 18.94 3.35
C ALA A 443 7.86 17.70 3.04
N LYS A 444 8.45 16.72 2.36
CA LYS A 444 7.71 15.52 1.99
C LYS A 444 7.84 14.27 2.85
N ARG A 445 8.85 14.22 3.72
CA ARG A 445 9.08 13.08 4.58
C ARG A 445 7.86 12.51 5.34
N MET A 446 7.57 13.06 6.51
CA MET A 446 6.46 12.58 7.34
C MET A 446 5.28 12.07 6.54
N PRO A 447 4.88 12.80 5.49
CA PRO A 447 3.74 12.25 4.76
C PRO A 447 4.18 10.91 4.22
N CYS A 448 5.29 10.96 3.47
CA CYS A 448 5.91 9.81 2.84
C CYS A 448 5.80 8.57 3.75
N ALA A 449 6.42 8.65 4.92
CA ALA A 449 6.40 7.56 5.87
C ALA A 449 4.98 7.05 6.18
N GLU A 450 4.06 7.96 6.47
CA GLU A 450 2.70 7.53 6.76
C GLU A 450 2.12 6.63 5.68
N ASP A 451 2.49 6.87 4.43
CA ASP A 451 1.94 6.06 3.36
C ASP A 451 2.47 4.64 3.46
N TYR A 452 3.79 4.51 3.40
CA TYR A 452 4.46 3.22 3.44
C TYR A 452 4.29 2.50 4.77
N LEU A 453 4.40 3.24 5.86
CA LEU A 453 4.27 2.66 7.16
C LEU A 453 2.87 2.13 7.42
N SER A 454 1.89 2.70 6.73
CA SER A 454 0.49 2.28 6.90
C SER A 454 0.25 0.85 6.39
N VAL A 455 0.90 0.51 5.29
CA VAL A 455 0.76 -0.82 4.70
C VAL A 455 1.63 -1.83 5.46
N VAL A 456 2.90 -1.47 5.66
CA VAL A 456 3.82 -2.34 6.38
C VAL A 456 3.25 -2.71 7.75
N LEU A 457 2.37 -1.87 8.27
CA LEU A 457 1.78 -2.12 9.57
C LEU A 457 0.51 -2.95 9.48
N ASN A 458 -0.32 -2.66 8.48
CA ASN A 458 -1.54 -3.43 8.33
C ASN A 458 -1.16 -4.86 7.97
N GLN A 459 -0.25 -4.96 7.02
CA GLN A 459 0.28 -6.23 6.53
C GLN A 459 0.80 -7.04 7.71
N LEU A 460 1.40 -6.35 8.66
CA LEU A 460 1.95 -6.97 9.85
C LEU A 460 0.83 -7.40 10.78
N CYS A 461 -0.23 -6.62 10.82
CA CYS A 461 -1.36 -6.96 11.66
C CYS A 461 -2.00 -8.21 11.12
N VAL A 462 -2.31 -8.22 9.82
CA VAL A 462 -2.92 -9.39 9.19
C VAL A 462 -2.17 -10.69 9.54
N LEU A 463 -0.86 -10.71 9.33
CA LEU A 463 -0.12 -11.91 9.67
C LEU A 463 -0.36 -12.26 11.14
N HIS A 464 -0.42 -11.25 12.00
CA HIS A 464 -0.64 -11.45 13.42
C HIS A 464 -2.11 -11.76 13.71
N GLU A 465 -2.96 -11.37 12.77
CA GLU A 465 -4.39 -11.64 12.89
C GLU A 465 -4.55 -13.15 12.74
N LYS A 466 -4.05 -13.67 11.63
CA LYS A 466 -4.13 -15.09 11.33
C LYS A 466 -3.35 -15.94 12.30
N THR A 467 -2.20 -15.45 12.72
CA THR A 467 -1.35 -16.20 13.63
C THR A 467 -0.96 -15.38 14.86
N PRO A 468 -1.96 -14.99 15.68
CA PRO A 468 -1.70 -14.19 16.88
C PRO A 468 -0.47 -14.67 17.60
N VAL A 469 0.22 -13.76 18.28
CA VAL A 469 1.45 -14.12 18.99
C VAL A 469 1.80 -13.17 20.14
N SER A 470 1.13 -12.01 20.22
CA SER A 470 1.42 -11.07 21.30
C SER A 470 0.29 -10.06 21.55
N ASP A 471 -0.38 -10.21 22.69
CA ASP A 471 -1.47 -9.34 23.11
C ASP A 471 -1.14 -7.86 22.82
N ARG A 472 0.13 -7.51 22.99
CA ARG A 472 0.63 -6.16 22.75
C ARG A 472 0.49 -5.66 21.30
N VAL A 473 0.79 -6.51 20.33
CA VAL A 473 0.68 -6.12 18.94
C VAL A 473 -0.78 -6.25 18.52
N THR A 474 -1.57 -6.87 19.39
CA THR A 474 -2.99 -7.04 19.11
C THR A 474 -3.67 -5.74 19.51
N LYS A 475 -3.17 -5.14 20.60
CA LYS A 475 -3.71 -3.88 21.10
C LYS A 475 -3.36 -2.82 20.06
N CYS A 476 -2.07 -2.73 19.73
CA CYS A 476 -1.61 -1.77 18.73
C CYS A 476 -2.33 -2.01 17.40
N CYS A 477 -2.62 -3.27 17.08
CA CYS A 477 -3.31 -3.57 15.83
C CYS A 477 -4.83 -3.47 15.91
N THR A 478 -5.35 -3.53 17.13
CA THR A 478 -6.78 -3.44 17.33
C THR A 478 -7.20 -2.00 17.48
N GLU A 479 -6.33 -1.20 18.08
CA GLU A 479 -6.61 0.21 18.33
C GLU A 479 -6.96 1.06 17.11
N SER A 480 -7.19 2.34 17.35
CA SER A 480 -7.57 3.28 16.30
C SER A 480 -6.41 3.71 15.40
N LEU A 481 -6.75 4.13 14.19
CA LEU A 481 -5.78 4.58 13.21
C LEU A 481 -4.83 5.63 13.79
N VAL A 482 -5.40 6.60 14.49
CA VAL A 482 -4.59 7.65 15.09
C VAL A 482 -3.69 7.08 16.18
N ASN A 483 -4.08 5.93 16.73
CA ASN A 483 -3.32 5.29 17.79
C ASN A 483 -2.35 4.23 17.27
N ARG A 484 -2.70 3.60 16.16
CA ARG A 484 -1.88 2.54 15.58
C ARG A 484 -0.39 2.80 15.57
N ARG A 485 0.05 3.63 14.64
CA ARG A 485 1.49 3.89 14.52
C ARG A 485 2.14 4.27 15.84
N PRO A 486 1.66 5.33 16.51
CA PRO A 486 2.33 5.66 17.76
C PRO A 486 2.35 4.46 18.71
N CYS A 487 1.22 3.76 18.83
CA CYS A 487 1.15 2.60 19.71
C CYS A 487 2.35 1.70 19.48
N PHE A 488 2.69 1.45 18.22
CA PHE A 488 3.84 0.60 17.91
C PHE A 488 5.16 1.19 18.37
N SER A 489 5.33 2.49 18.19
CA SER A 489 6.58 3.13 18.62
C SER A 489 6.69 3.14 20.14
N ALA A 490 5.63 2.73 20.81
CA ALA A 490 5.61 2.69 22.27
C ALA A 490 6.19 1.41 22.81
N LEU A 491 6.04 0.33 22.05
CA LEU A 491 6.55 -0.98 22.47
C LEU A 491 7.87 -0.89 23.18
N GLU A 492 8.00 -1.57 24.32
CA GLU A 492 9.25 -1.55 25.04
C GLU A 492 9.86 -2.93 24.95
N VAL A 493 11.13 -3.01 25.16
CA VAL A 493 11.82 -4.28 25.12
C VAL A 493 11.09 -5.25 26.04
N ASP A 494 10.94 -6.49 25.60
CA ASP A 494 10.24 -7.49 26.41
C ASP A 494 11.11 -7.99 27.56
N GLU A 495 10.58 -7.91 28.78
CA GLU A 495 11.30 -8.34 29.98
C GLU A 495 10.85 -9.74 30.38
N THR A 496 9.54 -9.98 30.25
CA THR A 496 8.93 -11.27 30.58
C THR A 496 9.50 -12.39 29.71
N TYR A 497 10.18 -12.01 28.63
CA TYR A 497 10.75 -12.98 27.71
C TYR A 497 11.71 -13.96 28.34
N VAL A 498 11.63 -15.20 27.85
CA VAL A 498 12.50 -16.28 28.30
C VAL A 498 13.29 -16.68 27.06
N PRO A 499 14.57 -16.32 27.00
CA PRO A 499 15.48 -16.62 25.89
C PRO A 499 15.37 -18.03 25.31
N LYS A 500 15.16 -18.09 24.00
CA LYS A 500 15.04 -19.35 23.28
C LYS A 500 16.29 -20.16 23.57
N GLU A 501 16.11 -21.37 24.10
CA GLU A 501 17.25 -22.23 24.43
C GLU A 501 18.10 -22.47 23.18
N PHE A 502 19.40 -22.65 23.39
CA PHE A 502 20.34 -22.82 22.29
C PHE A 502 20.13 -23.98 21.33
N ASN A 503 20.71 -23.81 20.15
CA ASN A 503 20.68 -24.80 19.08
C ASN A 503 21.73 -24.40 18.05
N ALA A 504 22.82 -25.16 17.99
CA ALA A 504 23.92 -24.86 17.08
C ALA A 504 23.52 -24.95 15.61
N GLU A 505 22.53 -25.78 15.31
CA GLU A 505 22.05 -25.93 13.94
C GLU A 505 21.61 -24.58 13.40
N THR A 506 20.84 -23.84 14.19
CA THR A 506 20.34 -22.53 13.80
C THR A 506 21.48 -21.54 13.54
N PHE A 507 22.62 -21.78 14.18
CA PHE A 507 23.76 -20.88 14.05
C PHE A 507 24.95 -21.45 13.29
N THR A 508 24.77 -22.63 12.70
CA THR A 508 25.84 -23.26 11.94
C THR A 508 25.74 -22.86 10.47
N PHE A 509 26.86 -22.46 9.87
CA PHE A 509 26.89 -22.03 8.47
C PHE A 509 27.83 -22.79 7.55
N HIS A 510 27.33 -23.16 6.37
CA HIS A 510 28.13 -23.89 5.38
C HIS A 510 28.54 -22.97 4.24
N ALA A 511 29.62 -23.35 3.55
CA ALA A 511 30.16 -22.56 2.44
C ALA A 511 29.16 -22.13 1.37
N ASP A 512 27.98 -22.73 1.36
CA ASP A 512 26.96 -22.40 0.38
C ASP A 512 26.63 -20.90 0.39
N ILE A 513 26.87 -20.25 1.54
CA ILE A 513 26.58 -18.82 1.67
C ILE A 513 27.49 -18.02 0.74
N CYS A 514 28.69 -18.53 0.52
CA CYS A 514 29.66 -17.86 -0.32
C CYS A 514 29.09 -17.72 -1.72
N THR A 515 28.38 -18.77 -2.15
CA THR A 515 27.80 -18.79 -3.48
C THR A 515 26.30 -18.53 -3.51
N LEU A 516 25.88 -17.48 -2.82
CA LEU A 516 24.46 -17.12 -2.79
C LEU A 516 24.22 -15.72 -3.30
N SER A 517 23.01 -15.48 -3.78
CA SER A 517 22.66 -14.16 -4.30
C SER A 517 22.68 -13.22 -3.11
N GLU A 518 23.16 -11.99 -3.32
CA GLU A 518 23.23 -11.02 -2.25
C GLU A 518 22.02 -11.10 -1.32
N LYS A 519 20.82 -10.96 -1.89
CA LYS A 519 19.60 -11.03 -1.10
C LYS A 519 19.70 -12.19 -0.13
N GLU A 520 19.75 -13.40 -0.70
CA GLU A 520 19.85 -14.64 0.07
C GLU A 520 20.89 -14.49 1.18
N ARG A 521 22.05 -13.95 0.82
CA ARG A 521 23.14 -13.74 1.76
C ARG A 521 22.71 -12.82 2.91
N GLN A 522 21.98 -11.76 2.58
CA GLN A 522 21.52 -10.82 3.59
C GLN A 522 20.42 -11.50 4.39
N ILE A 523 19.46 -12.08 3.69
CA ILE A 523 18.36 -12.76 4.36
C ILE A 523 18.93 -13.80 5.33
N LYS A 524 20.09 -14.33 4.98
CA LYS A 524 20.72 -15.35 5.80
C LYS A 524 21.49 -14.82 6.99
N LYS A 525 22.14 -13.68 6.84
CA LYS A 525 22.88 -13.10 7.95
C LYS A 525 21.87 -12.59 8.95
N GLN A 526 20.81 -11.97 8.44
CA GLN A 526 19.77 -11.38 9.27
C GLN A 526 18.91 -12.40 10.02
N THR A 527 18.59 -13.51 9.37
CA THR A 527 17.81 -14.55 10.00
C THR A 527 18.53 -15.10 11.24
N ALA A 528 19.85 -15.07 11.20
CA ALA A 528 20.63 -15.57 12.33
C ALA A 528 20.75 -14.47 13.39
N LEU A 529 21.07 -13.26 12.94
CA LEU A 529 21.19 -12.10 13.81
C LEU A 529 19.97 -12.03 14.72
N VAL A 530 18.84 -12.51 14.22
CA VAL A 530 17.60 -12.51 14.99
C VAL A 530 17.57 -13.67 15.99
N GLU A 531 17.75 -14.90 15.50
CA GLU A 531 17.76 -16.04 16.40
C GLU A 531 18.80 -15.79 17.48
N LEU A 532 19.75 -14.91 17.16
CA LEU A 532 20.81 -14.53 18.10
C LEU A 532 20.19 -13.66 19.19
N VAL A 533 19.51 -12.59 18.81
CA VAL A 533 18.88 -11.73 19.79
C VAL A 533 17.81 -12.50 20.58
N LYS A 534 17.21 -13.50 19.95
CA LYS A 534 16.18 -14.31 20.59
C LYS A 534 16.76 -15.31 21.58
N HIS A 535 18.03 -15.64 21.46
CA HIS A 535 18.65 -16.58 22.39
C HIS A 535 19.40 -15.84 23.48
N LYS A 536 20.06 -14.76 23.12
CA LYS A 536 20.79 -13.95 24.07
C LYS A 536 20.28 -12.51 23.97
N PRO A 537 19.01 -12.29 24.31
CA PRO A 537 18.39 -10.96 24.24
C PRO A 537 19.05 -9.87 25.09
N LYS A 538 19.47 -10.23 26.29
CA LYS A 538 20.12 -9.26 27.18
C LYS A 538 21.51 -8.90 26.69
N ALA A 539 21.65 -8.72 25.39
CA ALA A 539 22.94 -8.37 24.79
C ALA A 539 23.00 -6.90 24.47
N THR A 540 24.15 -6.29 24.75
CA THR A 540 24.36 -4.87 24.49
C THR A 540 24.70 -4.72 23.02
N LYS A 541 24.38 -3.58 22.41
CA LYS A 541 24.77 -3.40 21.02
C LYS A 541 26.28 -3.48 21.06
N GLU A 542 26.81 -3.54 22.28
CA GLU A 542 28.25 -3.66 22.52
C GLU A 542 28.65 -5.13 22.42
N GLN A 543 28.02 -5.97 23.23
CA GLN A 543 28.30 -7.39 23.22
C GLN A 543 27.77 -7.92 21.89
N LEU A 544 26.94 -7.10 21.25
CA LEU A 544 26.31 -7.47 20.00
C LEU A 544 26.97 -6.95 18.74
N LYS A 545 27.56 -5.76 18.78
CA LYS A 545 28.23 -5.23 17.59
C LYS A 545 29.37 -6.20 17.36
N ALA A 546 29.91 -6.74 18.46
CA ALA A 546 30.97 -7.73 18.38
C ALA A 546 30.19 -8.90 17.82
N VAL A 547 30.69 -10.11 17.96
CA VAL A 547 29.97 -11.26 17.39
C VAL A 547 29.70 -10.99 15.91
N MET A 548 28.84 -10.03 15.60
CA MET A 548 28.54 -9.66 14.22
C MET A 548 29.83 -9.45 13.42
N ASP A 549 30.88 -8.99 14.10
CA ASP A 549 32.16 -8.76 13.44
C ASP A 549 32.98 -10.04 13.34
N ASP A 550 33.04 -10.81 14.44
CA ASP A 550 33.78 -12.07 14.41
C ASP A 550 33.17 -12.97 13.33
N PHE A 551 32.00 -12.57 12.86
CA PHE A 551 31.29 -13.29 11.81
C PHE A 551 31.66 -12.64 10.48
N ALA A 552 31.74 -11.32 10.48
CA ALA A 552 32.10 -10.58 9.28
C ALA A 552 33.25 -11.28 8.59
N ALA A 553 34.33 -11.49 9.31
CA ALA A 553 35.51 -12.15 8.75
C ALA A 553 35.38 -13.67 8.81
N PHE A 554 34.50 -14.18 9.67
CA PHE A 554 34.30 -15.63 9.78
C PHE A 554 33.95 -16.19 8.41
N VAL A 555 33.43 -15.32 7.57
CA VAL A 555 33.03 -15.66 6.21
C VAL A 555 34.26 -15.43 5.33
N GLU A 556 34.82 -14.23 5.43
CA GLU A 556 36.01 -13.88 4.68
C GLU A 556 37.07 -14.96 4.91
N LYS A 557 37.01 -15.58 6.08
CA LYS A 557 37.96 -16.61 6.49
C LYS A 557 37.57 -18.01 6.01
N CYS A 558 36.37 -18.15 5.48
CA CYS A 558 35.97 -19.46 5.00
C CYS A 558 35.53 -19.43 3.54
N CYS A 559 35.32 -18.25 2.99
CA CYS A 559 34.92 -18.13 1.59
C CYS A 559 36.12 -17.81 0.69
N LYS A 560 37.15 -17.22 1.28
CA LYS A 560 38.36 -16.89 0.55
C LYS A 560 39.22 -18.15 0.57
N ALA A 561 39.11 -18.88 1.67
CA ALA A 561 39.84 -20.12 1.90
C ALA A 561 39.82 -21.06 0.71
N ASP A 562 40.93 -21.77 0.51
CA ASP A 562 41.04 -22.73 -0.56
C ASP A 562 40.11 -23.89 -0.22
N ASP A 563 40.10 -24.22 1.07
CA ASP A 563 39.28 -25.30 1.55
C ASP A 563 38.17 -24.85 2.49
N LYS A 564 37.04 -24.45 1.91
CA LYS A 564 35.88 -24.03 2.67
C LYS A 564 35.36 -25.31 3.31
N GLU A 565 34.06 -25.55 3.24
CA GLU A 565 33.50 -26.78 3.81
C GLU A 565 33.84 -27.00 5.26
N THR A 566 35.06 -27.48 5.50
CA THR A 566 35.57 -27.76 6.85
C THR A 566 35.84 -26.48 7.62
N CYS A 567 36.31 -25.45 6.91
CA CYS A 567 36.59 -24.17 7.53
C CYS A 567 35.30 -23.71 8.23
N PHE A 568 34.19 -23.84 7.52
CA PHE A 568 32.88 -23.45 8.05
C PHE A 568 32.43 -24.41 9.14
N ALA A 569 33.37 -25.24 9.59
CA ALA A 569 33.10 -26.20 10.64
C ALA A 569 34.10 -25.99 11.79
N GLU A 570 35.38 -25.99 11.46
CA GLU A 570 36.40 -25.77 12.47
C GLU A 570 36.37 -24.32 12.94
N GLU A 571 36.21 -23.39 12.01
CA GLU A 571 36.11 -21.98 12.34
C GLU A 571 34.78 -21.80 13.07
N GLY A 572 33.74 -22.40 12.49
CA GLY A 572 32.41 -22.33 13.06
C GLY A 572 32.42 -22.59 14.55
N LYS A 573 32.85 -23.78 14.94
CA LYS A 573 32.91 -24.15 16.35
C LYS A 573 33.57 -23.05 17.18
N LYS A 574 34.61 -22.44 16.65
CA LYS A 574 35.34 -21.37 17.35
C LYS A 574 34.48 -20.12 17.56
N LEU A 575 33.71 -19.75 16.55
CA LEU A 575 32.85 -18.57 16.65
C LEU A 575 31.75 -18.80 17.66
N VAL A 576 30.92 -19.81 17.40
CA VAL A 576 29.85 -20.15 18.30
C VAL A 576 30.38 -20.21 19.73
N ALA A 577 31.52 -20.87 19.91
CA ALA A 577 32.12 -21.00 21.22
C ALA A 577 32.52 -19.65 21.81
N ALA A 578 33.22 -18.84 21.01
CA ALA A 578 33.68 -17.53 21.45
C ALA A 578 32.52 -16.65 21.92
N SER A 579 31.39 -16.73 21.22
CA SER A 579 30.19 -15.96 21.54
C SER A 579 29.29 -16.60 22.62
N GLN A 580 29.47 -17.89 22.85
CA GLN A 580 28.66 -18.56 23.87
C GLN A 580 28.99 -17.92 25.21
N ALA A 581 30.26 -17.53 25.32
CA ALA A 581 30.80 -16.93 26.53
C ALA A 581 30.70 -15.41 26.51
N ALA A 582 31.00 -14.81 25.36
CA ALA A 582 30.94 -13.35 25.20
C ALA A 582 29.62 -12.81 25.72
N LEU A 583 28.54 -13.49 25.33
CA LEU A 583 27.20 -13.11 25.75
C LEU A 583 26.80 -14.01 26.93
N GLY A 584 27.48 -13.79 28.07
CA GLY A 584 27.22 -14.57 29.26
C GLY A 584 25.77 -14.96 29.47
C1 MYR B . 7.84 -11.82 -9.51
O1 MYR B . 8.52 -10.76 -8.98
O2 MYR B . 7.63 -12.85 -8.75
C2 MYR B . 7.37 -11.73 -10.92
C3 MYR B . 7.79 -10.36 -11.43
C4 MYR B . 8.14 -10.38 -12.92
C5 MYR B . 7.32 -11.34 -13.73
C6 MYR B . 7.54 -11.10 -15.19
C7 MYR B . 7.09 -9.75 -15.67
C8 MYR B . 5.95 -9.75 -16.65
C9 MYR B . 4.76 -9.33 -15.81
C10 MYR B . 3.62 -8.62 -16.53
C11 MYR B . 3.16 -7.45 -15.68
C12 MYR B . 1.74 -7.13 -15.91
C13 MYR B . 1.39 -6.63 -14.56
C14 MYR B . -0.04 -6.26 -14.50
C1 MYR C . -11.02 5.82 -14.40
O1 MYR C . -11.29 6.76 -15.12
O2 MYR C . -10.42 6.00 -13.21
C2 MYR C . -11.33 4.42 -14.81
C3 MYR C . -12.03 4.29 -16.18
C4 MYR C . -12.26 2.78 -16.28
C5 MYR C . -12.99 2.34 -17.54
C6 MYR C . -13.17 0.83 -17.37
C7 MYR C . -13.93 0.22 -18.53
C8 MYR C . -14.08 -1.27 -18.21
C9 MYR C . -14.89 -1.97 -19.31
C10 MYR C . -15.05 -3.44 -18.94
C11 MYR C . -15.88 -4.10 -20.00
C12 MYR C . -16.09 -5.57 -19.65
C13 MYR C . -16.97 -6.19 -20.73
C14 MYR C . -17.21 -7.66 -20.41
C1 MYR D . 0.63 9.60 13.33
O1 MYR D . 1.18 10.08 14.55
O2 MYR D . -0.66 9.65 13.16
C2 MYR D . 1.53 9.05 12.26
C3 MYR D . 2.98 9.07 12.73
C4 MYR D . 3.92 8.61 11.63
C5 MYR D . 5.34 8.42 12.16
C6 MYR D . 6.28 8.03 11.05
C7 MYR D . 7.63 7.58 11.61
C8 MYR D . 8.68 7.45 10.51
C9 MYR D . 9.72 6.40 10.86
C10 MYR D . 10.34 5.80 9.60
C11 MYR D . 11.66 5.11 9.93
C12 MYR D . 12.08 4.17 8.79
C13 MYR D . 13.53 3.73 8.95
C14 MYR D . 13.90 2.70 7.89
C1 MYR E . 10.46 3.02 13.82
O1 MYR E . 11.62 2.24 13.65
O2 MYR E . 10.27 3.73 14.88
C2 MYR E . 9.39 3.02 12.78
C3 MYR E . 8.17 3.31 13.60
C4 MYR E . 6.98 2.41 13.33
C5 MYR E . 7.35 0.99 13.05
C6 MYR E . 6.63 0.11 14.03
C7 MYR E . 7.00 -1.31 13.79
C8 MYR E . 7.43 -1.77 15.12
C9 MYR E . 7.21 -3.23 15.27
C10 MYR E . 7.57 -3.75 13.94
C11 MYR E . 8.12 -5.15 14.08
C12 MYR E . 7.12 -6.23 14.39
C13 MYR E . 7.49 -6.63 15.77
C14 MYR E . 7.58 -5.25 16.31
C1 MYR F . 27.12 -8.54 8.21
O1 MYR F . 28.03 -9.54 8.40
O2 MYR F . 27.44 -7.55 7.44
C2 MYR F . 25.84 -8.67 8.95
C3 MYR F . 26.23 -9.44 10.20
C4 MYR F . 25.13 -10.10 11.02
C5 MYR F . 25.67 -11.45 11.44
C6 MYR F . 24.84 -12.35 12.31
C7 MYR F . 25.78 -13.21 13.14
C8 MYR F . 25.13 -14.07 14.24
C9 MYR F . 26.26 -14.53 15.13
C10 MYR F . 26.25 -16.01 15.44
C11 MYR F . 27.07 -16.43 16.62
C12 MYR F . 26.25 -17.33 17.50
C13 MYR F . 26.74 -17.48 18.93
C14 MYR F . 25.93 -18.47 19.73
C1 MYR G . -12.21 10.19 14.14
O1 MYR G . -11.64 10.06 12.87
O2 MYR G . -12.06 9.26 15.04
C2 MYR G . -12.97 11.41 14.52
C3 MYR G . -11.99 12.26 15.27
C4 MYR G . -11.55 13.41 14.41
C5 MYR G . -12.70 14.38 14.21
C6 MYR G . -13.55 13.99 13.02
C7 MYR G . -14.50 15.09 12.64
C8 MYR G . -14.22 15.70 11.31
C9 MYR G . -15.49 15.65 10.52
C10 MYR G . -15.42 16.52 9.27
C11 MYR G . -16.78 16.49 8.56
C12 MYR G . -16.83 17.24 7.26
C13 MYR G . -18.13 16.79 6.66
C14 MYR G . -18.01 16.65 5.15
O5' AZZ H . -11.82 4.71 -4.84
C5' AZZ H . -11.35 3.43 -4.38
C4' AZZ H . -10.65 2.71 -5.53
O4' AZZ H . -9.48 3.45 -5.96
C3' AZZ H . -10.13 1.32 -5.08
N3' AZZ H . -11.11 0.24 -5.29
N4' AZZ H . -10.86 -0.82 -5.00
N5' AZZ H . -10.59 -1.88 -4.72
C2' AZZ H . -8.84 1.11 -5.91
C1' AZZ H . -8.49 2.51 -6.44
N1 AZZ H . -7.13 2.91 -5.98
C2 AZZ H . -6.08 2.85 -6.87
O2 AZZ H . -6.27 2.49 -8.02
N3 AZZ H . -4.82 3.21 -6.47
C4 AZZ H . -4.57 3.63 -5.20
O4 AZZ H . -3.43 3.95 -4.87
C5 AZZ H . -5.65 3.70 -4.25
C5A AZZ H . -5.41 4.15 -2.84
C6 AZZ H . -6.90 3.34 -4.66
C1' SAL I . -9.86 10.47 -7.75
O1' SAL I . -9.78 9.25 -7.87
O2' SAL I . -10.56 11.00 -8.62
C1 SAL I . -9.18 11.21 -6.72
C2 SAL I . -8.33 10.58 -5.68
C3 SAL I . -7.66 11.36 -4.64
C4 SAL I . -7.83 12.77 -4.63
C5 SAL I . -8.65 13.45 -5.62
C6 SAL I . -9.32 12.66 -6.65
O2 SAL I . -8.11 9.23 -5.61
C1' SAL J . 3.57 -8.41 -8.72
O1' SAL J . 3.29 -9.33 -7.94
O2' SAL J . 4.62 -8.38 -9.39
C1 SAL J . 2.60 -7.32 -8.90
C2 SAL J . 1.48 -7.37 -8.20
C3 SAL J . 0.55 -6.43 -8.28
C4 SAL J . 0.84 -5.40 -9.13
C5 SAL J . 1.96 -5.32 -9.86
C6 SAL J . 2.85 -6.31 -9.75
O2 SAL J . 1.28 -8.36 -7.40
#